data_9AS5
#
_entry.id   9AS5
#
_cell.length_a   1.00
_cell.length_b   1.00
_cell.length_c   1.00
_cell.angle_alpha   90.00
_cell.angle_beta   90.00
_cell.angle_gamma   90.00
#
_symmetry.space_group_name_H-M   'P 1'
#
loop_
_entity.id
_entity.type
_entity.pdbx_description
1 polymer '5-hydroxytryptamine receptor 2A'
2 non-polymer Mescaline
#
_entity_poly.entity_id   1
_entity_poly.type   'polypeptide(L)'
_entity_poly.pdbx_seq_one_letter_code
;MDILCEENTSLSSTTNSLMQLNDDTRLYSNDFNSGEANTSDAFNWTVDSENRTNLSCEGCLSPSCLSLLHLQEKNWSALL
TAVVIILTIAGNILVIMAVSLEKKLQNATNYFLMSLAIADMLLGFLVMPVSMLTILYGYRWPLPSKLCAVWIYLDVLFST
ASIMHLCAISLDRYVAIQNPIHHSRFNSRTKAFLKIIAVWTISVGISMPIPVFGLQDDSKVFKEGSCLLADDNFVLIGSF
VSFFIPLTIMVITYFLTIKSLQKEATLCVSDLGTRAKLASFSFLPQSSLSSEKLFQRSIHREPGSYTGRRTMQSISNEQK
ACKVLGIVFFLFVVMWCPFFITNIMAVICKESCNEDVIGALLNVFVWIGYLSSAVNPLVYTLFNKTYRSAFSRYIQCQYK
ENKKPLQLILVNTIPALAYKSSQLQMGQKKNSKQDAKTTDNDCSMVALGKQHSEEASKDNSDGVNEKVSCV
;
_entity_poly.pdbx_strand_id   A
#
loop_
_chem_comp.id
_chem_comp.type
_chem_comp.name
_chem_comp.formula
A1AFW non-polymer Mescaline 'C11 H17 N O3'
#
# COMPACT_ATOMS: atom_id res chain seq x y z
N LEU A 79 -5.34 23.61 -1.12
CA LEU A 79 -6.18 22.43 -0.88
C LEU A 79 -5.44 21.41 -0.03
N LEU A 80 -6.20 20.59 0.70
CA LEU A 80 -5.59 19.60 1.59
C LEU A 80 -4.98 18.44 0.82
N THR A 81 -5.45 18.17 -0.41
CA THR A 81 -4.91 17.05 -1.17
C THR A 81 -3.52 17.34 -1.71
N ALA A 82 -3.14 18.60 -1.88
CA ALA A 82 -1.80 18.92 -2.35
C ALA A 82 -0.75 18.67 -1.27
N VAL A 83 -1.13 18.67 0.00
CA VAL A 83 -0.19 18.38 1.07
C VAL A 83 0.19 16.90 1.03
N VAL A 84 -0.76 16.02 0.70
CA VAL A 84 -0.50 14.59 0.78
C VAL A 84 0.50 14.17 -0.28
N ILE A 85 0.42 14.77 -1.48
CA ILE A 85 1.39 14.42 -2.52
C ILE A 85 2.78 14.88 -2.13
N ILE A 86 2.87 16.09 -1.53
CA ILE A 86 4.15 16.60 -1.08
C ILE A 86 4.76 15.67 -0.03
N LEU A 87 3.94 15.26 0.94
CA LEU A 87 4.45 14.39 1.99
C LEU A 87 4.84 13.03 1.45
N THR A 88 4.08 12.50 0.48
CA THR A 88 4.40 11.20 -0.10
C THR A 88 5.76 11.24 -0.78
N ILE A 89 5.96 12.21 -1.67
CA ILE A 89 7.23 12.26 -2.39
C ILE A 89 8.39 12.60 -1.45
N ALA A 90 8.15 13.46 -0.46
CA ALA A 90 9.22 13.79 0.48
C ALA A 90 9.64 12.57 1.29
N GLY A 91 8.67 11.82 1.81
CA GLY A 91 9.00 10.64 2.58
C GLY A 91 9.71 9.59 1.77
N ASN A 92 9.28 9.39 0.52
CA ASN A 92 9.91 8.34 -0.28
C ASN A 92 11.30 8.74 -0.78
N ILE A 93 11.52 10.02 -1.11
CA ILE A 93 12.89 10.49 -1.35
C ILE A 93 13.76 10.29 -0.12
N LEU A 94 13.25 10.65 1.06
CA LEU A 94 14.09 10.51 2.25
C LEU A 94 14.42 9.05 2.52
N VAL A 95 13.45 8.14 2.34
CA VAL A 95 13.72 6.73 2.56
C VAL A 95 14.70 6.20 1.52
N ILE A 96 14.54 6.61 0.26
CA ILE A 96 15.41 6.09 -0.79
C ILE A 96 16.85 6.53 -0.55
N MET A 97 17.05 7.80 -0.19
CA MET A 97 18.41 8.25 0.10
C MET A 97 18.96 7.62 1.37
N ALA A 98 18.10 7.37 2.36
CA ALA A 98 18.59 6.74 3.59
C ALA A 98 19.08 5.32 3.33
N VAL A 99 18.37 4.56 2.50
CA VAL A 99 18.84 3.22 2.16
C VAL A 99 20.08 3.26 1.27
N SER A 100 20.08 4.12 0.26
CA SER A 100 21.15 4.08 -0.74
C SER A 100 22.46 4.67 -0.23
N LEU A 101 22.41 5.75 0.56
CA LEU A 101 23.59 6.51 0.96
C LEU A 101 24.05 6.17 2.38
N GLU A 102 23.57 5.07 2.96
CA GLU A 102 24.00 4.59 4.27
C GLU A 102 24.58 3.20 4.13
N LYS A 103 25.74 2.98 4.74
CA LYS A 103 26.44 1.71 4.62
C LYS A 103 25.94 0.64 5.58
N LYS A 104 25.27 1.05 6.66
CA LYS A 104 24.88 0.12 7.73
C LYS A 104 23.46 -0.42 7.53
N LEU A 105 22.62 0.29 6.78
CA LEU A 105 21.23 -0.10 6.59
C LEU A 105 21.03 -1.08 5.43
N GLN A 106 22.07 -1.37 4.66
CA GLN A 106 21.93 -2.20 3.46
C GLN A 106 21.86 -3.67 3.86
N ASN A 107 20.64 -4.18 3.99
CA ASN A 107 20.41 -5.60 4.20
C ASN A 107 19.11 -5.96 3.47
N ALA A 108 18.63 -7.18 3.69
CA ALA A 108 17.46 -7.67 2.96
C ALA A 108 16.20 -6.90 3.32
N THR A 109 15.98 -6.66 4.62
CA THR A 109 14.74 -6.03 5.05
C THR A 109 14.63 -4.61 4.52
N ASN A 110 15.73 -3.85 4.56
CA ASN A 110 15.67 -2.49 4.03
C ASN A 110 15.59 -2.48 2.50
N TYR A 111 16.02 -3.54 1.82
CA TYR A 111 15.79 -3.61 0.38
C TYR A 111 14.32 -3.86 0.08
N PHE A 112 13.66 -4.72 0.85
CA PHE A 112 12.21 -4.88 0.68
C PHE A 112 11.49 -3.57 1.00
N LEU A 113 11.93 -2.86 2.04
CA LEU A 113 11.34 -1.57 2.37
C LEU A 113 11.60 -0.55 1.27
N MET A 114 12.76 -0.61 0.62
CA MET A 114 13.04 0.26 -0.51
C MET A 114 12.11 -0.03 -1.67
N SER A 115 11.85 -1.31 -1.95
CA SER A 115 10.91 -1.66 -3.00
C SER A 115 9.52 -1.13 -2.69
N LEU A 116 9.11 -1.25 -1.42
CA LEU A 116 7.82 -0.68 -1.00
C LEU A 116 7.79 0.82 -1.23
N ALA A 117 8.87 1.51 -0.83
CA ALA A 117 8.94 2.95 -1.04
C ALA A 117 8.91 3.31 -2.53
N ILE A 118 9.51 2.46 -3.37
CA ILE A 118 9.47 2.69 -4.81
C ILE A 118 8.03 2.60 -5.31
N ALA A 119 7.29 1.59 -4.85
CA ALA A 119 5.89 1.46 -5.25
C ALA A 119 5.07 2.66 -4.79
N ASP A 120 5.29 3.10 -3.55
CA ASP A 120 4.53 4.23 -3.03
C ASP A 120 4.89 5.52 -3.76
N MET A 121 6.16 5.70 -4.12
CA MET A 121 6.53 6.83 -4.96
C MET A 121 5.86 6.79 -6.31
N LEU A 122 5.85 5.62 -6.95
CA LEU A 122 5.25 5.55 -8.27
C LEU A 122 3.77 5.89 -8.19
N LEU A 123 3.09 5.41 -7.15
CA LEU A 123 1.69 5.79 -6.94
C LEU A 123 1.57 7.30 -6.73
N GLY A 124 2.33 7.85 -5.80
CA GLY A 124 2.16 9.25 -5.45
C GLY A 124 2.67 10.22 -6.49
N PHE A 125 3.40 9.75 -7.48
CA PHE A 125 3.87 10.56 -8.60
C PHE A 125 2.96 10.46 -9.81
N LEU A 126 2.53 9.25 -10.19
CA LEU A 126 1.78 9.06 -11.42
C LEU A 126 0.27 9.14 -11.23
N VAL A 127 -0.23 8.88 -10.02
CA VAL A 127 -1.67 8.70 -9.79
C VAL A 127 -2.26 9.90 -9.05
N MET A 128 -1.73 10.24 -7.88
CA MET A 128 -2.37 11.22 -7.02
C MET A 128 -2.50 12.62 -7.63
N PRO A 129 -1.51 13.19 -8.32
CA PRO A 129 -1.77 14.48 -8.98
C PRO A 129 -2.86 14.40 -10.04
N VAL A 130 -3.01 13.26 -10.72
CA VAL A 130 -4.11 13.11 -11.66
C VAL A 130 -5.44 13.14 -10.93
N SER A 131 -5.52 12.50 -9.76
CA SER A 131 -6.73 12.55 -8.97
C SER A 131 -6.99 13.97 -8.45
N MET A 132 -5.95 14.73 -8.14
CA MET A 132 -6.14 16.11 -7.73
C MET A 132 -6.68 16.95 -8.89
N LEU A 133 -6.19 16.70 -10.10
CA LEU A 133 -6.74 17.38 -11.26
C LEU A 133 -8.19 16.99 -11.49
N THR A 134 -8.54 15.74 -11.21
CA THR A 134 -9.94 15.32 -11.27
C THR A 134 -10.77 16.09 -10.23
N ILE A 135 -10.22 16.29 -9.05
CA ILE A 135 -10.91 17.04 -8.01
C ILE A 135 -11.16 18.48 -8.48
N LEU A 136 -10.15 19.08 -9.11
CA LEU A 136 -10.26 20.47 -9.51
C LEU A 136 -11.17 20.66 -10.73
N TYR A 137 -11.32 19.65 -11.57
CA TYR A 137 -12.00 19.78 -12.85
C TYR A 137 -13.49 19.46 -12.80
N GLY A 138 -14.05 19.19 -11.62
CA GLY A 138 -15.46 18.90 -11.52
C GLY A 138 -15.86 17.52 -12.00
N TYR A 139 -14.93 16.56 -11.99
CA TYR A 139 -15.13 15.14 -12.28
C TYR A 139 -15.50 14.84 -13.73
N ARG A 140 -15.57 15.84 -14.60
CA ARG A 140 -15.39 15.58 -16.02
C ARG A 140 -13.91 15.35 -16.24
N TRP A 141 -13.58 14.41 -17.14
CA TRP A 141 -12.22 13.94 -17.39
C TRP A 141 -11.47 14.82 -18.41
N PRO A 142 -10.54 15.70 -17.99
CA PRO A 142 -9.80 16.45 -19.02
C PRO A 142 -8.90 15.55 -19.84
N LEU A 143 -8.34 14.54 -19.18
CA LEU A 143 -7.37 13.65 -19.78
C LEU A 143 -8.04 12.81 -20.87
N PRO A 144 -7.25 12.20 -21.78
CA PRO A 144 -7.80 11.29 -22.79
C PRO A 144 -8.55 10.15 -22.11
N SER A 145 -9.64 9.68 -22.73
CA SER A 145 -10.44 8.57 -22.20
C SER A 145 -9.63 7.29 -22.10
N LYS A 146 -8.84 6.98 -23.13
CA LYS A 146 -8.01 5.78 -23.11
C LYS A 146 -7.01 5.84 -21.97
N LEU A 147 -6.54 7.05 -21.65
CA LEU A 147 -5.59 7.21 -20.56
C LEU A 147 -6.23 6.91 -19.20
N CYS A 148 -7.56 6.99 -19.09
CA CYS A 148 -8.17 6.66 -17.81
C CYS A 148 -8.06 5.17 -17.51
N ALA A 149 -8.24 4.33 -18.53
CA ALA A 149 -8.18 2.89 -18.27
C ALA A 149 -6.80 2.49 -17.78
N VAL A 150 -5.74 3.01 -18.41
CA VAL A 150 -4.40 2.72 -17.92
C VAL A 150 -4.16 3.39 -16.57
N TRP A 151 -4.84 4.52 -16.32
CA TRP A 151 -4.74 5.14 -15.00
C TRP A 151 -5.29 4.23 -13.91
N ILE A 152 -6.48 3.65 -14.14
CA ILE A 152 -7.05 2.69 -13.20
C ILE A 152 -6.14 1.48 -13.07
N TYR A 153 -5.52 1.07 -14.19
CA TYR A 153 -4.54 -0.01 -14.14
C TYR A 153 -3.40 0.31 -13.20
N LEU A 154 -2.85 1.53 -13.30
CA LEU A 154 -1.73 1.91 -12.44
C LEU A 154 -2.17 2.03 -10.99
N ASP A 155 -3.38 2.57 -10.78
CA ASP A 155 -3.94 2.64 -9.43
C ASP A 155 -4.02 1.26 -8.78
N VAL A 156 -4.65 0.31 -9.48
CA VAL A 156 -4.85 -1.02 -8.89
C VAL A 156 -3.50 -1.72 -8.74
N LEU A 157 -2.60 -1.53 -9.73
CA LEU A 157 -1.29 -2.16 -9.70
C LEU A 157 -0.50 -1.71 -8.48
N PHE A 158 -0.39 -0.39 -8.28
CA PHE A 158 0.45 0.11 -7.21
C PHE A 158 -0.20 -0.10 -5.85
N SER A 159 -1.53 0.00 -5.77
CA SER A 159 -2.20 -0.25 -4.50
C SER A 159 -2.05 -1.70 -4.07
N THR A 160 -2.24 -2.65 -5.00
CA THR A 160 -2.02 -4.04 -4.67
C THR A 160 -0.56 -4.31 -4.33
N ALA A 161 0.37 -3.67 -5.06
CA ALA A 161 1.78 -3.86 -4.74
C ALA A 161 2.09 -3.42 -3.33
N SER A 162 1.56 -2.27 -2.92
CA SER A 162 1.76 -1.80 -1.55
C SER A 162 1.12 -2.76 -0.53
N ILE A 163 -0.09 -3.24 -0.82
CA ILE A 163 -0.82 -4.05 0.15
C ILE A 163 -0.10 -5.37 0.38
N MET A 164 0.28 -6.06 -0.69
CA MET A 164 1.00 -7.33 -0.47
C MET A 164 2.46 -7.11 -0.06
N HIS A 165 3.04 -5.93 -0.28
CA HIS A 165 4.31 -5.62 0.36
C HIS A 165 4.15 -5.59 1.88
N LEU A 166 3.11 -4.92 2.36
CA LEU A 166 2.86 -4.91 3.81
C LEU A 166 2.54 -6.30 4.33
N CYS A 167 1.79 -7.09 3.58
CA CYS A 167 1.47 -8.45 4.01
C CYS A 167 2.74 -9.31 4.10
N ALA A 168 3.63 -9.20 3.11
CA ALA A 168 4.87 -9.95 3.17
C ALA A 168 5.77 -9.47 4.29
N ILE A 169 5.76 -8.16 4.57
CA ILE A 169 6.53 -7.65 5.72
C ILE A 169 6.00 -8.27 7.01
N SER A 170 4.68 -8.34 7.17
CA SER A 170 4.11 -8.92 8.38
C SER A 170 4.45 -10.40 8.50
N LEU A 171 4.36 -11.14 7.38
CA LEU A 171 4.70 -12.57 7.42
C LEU A 171 6.17 -12.76 7.78
N ASP A 172 7.06 -11.95 7.20
CA ASP A 172 8.47 -12.07 7.51
C ASP A 172 8.75 -11.73 8.96
N ARG A 173 8.06 -10.73 9.51
CA ARG A 173 8.22 -10.40 10.92
C ARG A 173 7.79 -11.56 11.80
N TYR A 174 6.66 -12.18 11.49
CA TYR A 174 6.21 -13.32 12.29
C TYR A 174 7.19 -14.48 12.22
N VAL A 175 7.71 -14.78 11.03
CA VAL A 175 8.64 -15.89 10.90
C VAL A 175 9.95 -15.58 11.63
N ALA A 176 10.40 -14.32 11.58
CA ALA A 176 11.64 -13.95 12.24
C ALA A 176 11.49 -13.86 13.75
N ILE A 177 10.28 -13.66 14.26
CA ILE A 177 10.07 -13.52 15.69
C ILE A 177 9.75 -14.86 16.35
N GLN A 178 9.00 -15.73 15.66
CA GLN A 178 8.60 -16.99 16.29
C GLN A 178 9.80 -17.90 16.51
N ASN A 179 10.61 -18.13 15.46
CA ASN A 179 11.75 -19.05 15.52
C ASN A 179 12.98 -18.36 14.92
N PRO A 180 13.65 -17.49 15.69
CA PRO A 180 14.75 -16.70 15.10
C PRO A 180 15.94 -17.52 14.66
N ILE A 181 16.18 -18.70 15.25
CA ILE A 181 17.30 -19.52 14.83
C ILE A 181 17.10 -20.03 13.41
N HIS A 182 15.89 -20.53 13.12
CA HIS A 182 15.61 -21.07 11.79
C HIS A 182 15.41 -19.98 10.74
N HIS A 183 15.15 -18.74 11.17
CA HIS A 183 15.02 -17.65 10.21
C HIS A 183 16.38 -17.22 9.68
N SER A 184 17.43 -17.30 10.51
CA SER A 184 18.76 -16.88 10.08
C SER A 184 19.44 -17.90 9.19
N ARG A 185 18.94 -19.14 9.12
CA ARG A 185 19.55 -20.14 8.25
C ARG A 185 19.27 -19.85 6.78
N PHE A 186 18.19 -19.14 6.47
CA PHE A 186 17.79 -18.81 5.11
C PHE A 186 17.42 -17.34 4.99
N ASN A 187 18.29 -16.47 5.52
CA ASN A 187 18.06 -15.03 5.55
C ASN A 187 19.01 -14.28 4.61
N SER A 188 19.32 -14.88 3.46
CA SER A 188 20.19 -14.24 2.49
C SER A 188 19.40 -13.24 1.64
N ARG A 189 20.08 -12.67 0.64
CA ARG A 189 19.42 -11.74 -0.27
C ARG A 189 18.57 -12.45 -1.32
N THR A 190 18.83 -13.74 -1.56
CA THR A 190 18.01 -14.47 -2.53
C THR A 190 16.57 -14.59 -2.06
N LYS A 191 16.37 -14.78 -0.76
CA LYS A 191 15.01 -14.81 -0.22
C LYS A 191 14.30 -13.48 -0.45
N ALA A 192 15.00 -12.36 -0.22
CA ALA A 192 14.38 -11.06 -0.41
C ALA A 192 14.07 -10.81 -1.88
N PHE A 193 14.98 -11.19 -2.78
CA PHE A 193 14.71 -11.03 -4.20
C PHE A 193 13.52 -11.88 -4.63
N LEU A 194 13.42 -13.10 -4.11
CA LEU A 194 12.28 -13.95 -4.43
C LEU A 194 10.99 -13.35 -3.89
N LYS A 195 11.03 -12.76 -2.69
CA LYS A 195 9.83 -12.13 -2.14
C LYS A 195 9.41 -10.92 -2.96
N ILE A 196 10.36 -10.09 -3.38
CA ILE A 196 10.05 -8.93 -4.21
C ILE A 196 9.44 -9.39 -5.53
N ILE A 197 10.04 -10.41 -6.15
CA ILE A 197 9.54 -10.93 -7.40
C ILE A 197 8.13 -11.48 -7.21
N ALA A 198 7.89 -12.19 -6.10
CA ALA A 198 6.59 -12.80 -5.86
C ALA A 198 5.52 -11.73 -5.68
N VAL A 199 5.78 -10.71 -4.87
CA VAL A 199 4.75 -9.71 -4.62
C VAL A 199 4.48 -8.90 -5.88
N TRP A 200 5.51 -8.56 -6.66
CA TRP A 200 5.26 -7.79 -7.86
C TRP A 200 4.57 -8.62 -8.93
N THR A 201 4.91 -9.91 -9.04
CA THR A 201 4.21 -10.79 -9.99
C THR A 201 2.75 -10.96 -9.59
N ILE A 202 2.49 -11.10 -8.29
CA ILE A 202 1.12 -11.25 -7.82
C ILE A 202 0.32 -9.99 -8.11
N SER A 203 0.90 -8.82 -7.85
CA SER A 203 0.19 -7.57 -8.12
C SER A 203 -0.05 -7.38 -9.62
N VAL A 204 0.93 -7.74 -10.45
CA VAL A 204 0.76 -7.61 -11.88
C VAL A 204 -0.34 -8.56 -12.37
N GLY A 205 -0.35 -9.79 -11.87
CA GLY A 205 -1.40 -10.72 -12.26
C GLY A 205 -2.77 -10.31 -11.81
N ILE A 206 -2.87 -9.71 -10.62
CA ILE A 206 -4.17 -9.23 -10.14
C ILE A 206 -4.63 -8.05 -11.00
N SER A 207 -3.71 -7.15 -11.35
CA SER A 207 -4.04 -5.95 -12.11
C SER A 207 -4.00 -6.19 -13.62
N MET A 208 -3.97 -7.45 -14.06
CA MET A 208 -3.79 -7.75 -15.48
C MET A 208 -5.01 -7.45 -16.36
N PRO A 209 -6.25 -7.72 -15.95
CA PRO A 209 -7.38 -7.56 -16.89
C PRO A 209 -7.79 -6.12 -17.19
N ILE A 210 -7.43 -5.13 -16.37
CA ILE A 210 -7.93 -3.77 -16.59
C ILE A 210 -7.45 -3.22 -17.93
N PRO A 211 -6.17 -3.30 -18.31
CA PRO A 211 -5.79 -2.82 -19.65
C PRO A 211 -6.47 -3.56 -20.78
N VAL A 212 -6.61 -4.88 -20.67
CA VAL A 212 -7.05 -5.67 -21.82
C VAL A 212 -8.54 -5.47 -22.08
N PHE A 213 -9.35 -5.49 -21.01
CA PHE A 213 -10.79 -5.32 -21.19
C PHE A 213 -11.24 -3.87 -21.16
N GLY A 214 -10.51 -2.97 -20.49
CA GLY A 214 -10.93 -1.59 -20.44
C GLY A 214 -10.69 -0.82 -21.72
N LEU A 215 -9.64 -1.19 -22.46
CA LEU A 215 -9.34 -0.48 -23.70
C LEU A 215 -10.27 -0.89 -24.83
N GLN A 216 -10.75 -2.14 -24.82
CA GLN A 216 -11.61 -2.60 -25.90
C GLN A 216 -13.00 -1.97 -25.81
N ASP A 217 -13.56 -1.90 -24.60
CA ASP A 217 -14.89 -1.33 -24.36
C ASP A 217 -14.74 -0.18 -23.38
N ASP A 218 -15.09 1.02 -23.82
CA ASP A 218 -14.97 2.20 -22.97
C ASP A 218 -16.06 2.28 -21.91
N SER A 219 -17.15 1.53 -22.06
CA SER A 219 -18.23 1.56 -21.09
C SER A 219 -17.91 0.80 -19.81
N LYS A 220 -16.86 -0.02 -19.80
CA LYS A 220 -16.49 -0.77 -18.61
C LYS A 220 -15.70 0.06 -17.60
N VAL A 221 -15.22 1.25 -17.98
CA VAL A 221 -14.43 2.12 -17.11
C VAL A 221 -15.00 3.53 -17.01
N PHE A 222 -16.04 3.86 -17.78
CA PHE A 222 -16.65 5.18 -17.77
C PHE A 222 -18.12 5.09 -17.35
N LYS A 223 -18.59 6.17 -16.70
CA LYS A 223 -19.97 6.22 -16.21
C LYS A 223 -20.35 7.70 -16.10
N GLU A 224 -21.11 8.18 -17.09
CA GLU A 224 -21.66 9.54 -17.07
C GLU A 224 -20.58 10.60 -16.92
N GLY A 225 -19.48 10.43 -17.65
CA GLY A 225 -18.36 11.36 -17.62
C GLY A 225 -17.30 10.99 -16.59
N SER A 226 -17.73 10.65 -15.38
CA SER A 226 -16.79 10.15 -14.40
C SER A 226 -16.30 8.76 -14.80
N CYS A 227 -15.08 8.43 -14.38
CA CYS A 227 -14.39 7.21 -14.82
C CYS A 227 -14.08 6.38 -13.58
N LEU A 228 -14.70 5.20 -13.50
CA LEU A 228 -14.52 4.30 -12.37
C LEU A 228 -14.76 2.87 -12.85
N LEU A 229 -14.33 1.92 -12.03
CA LEU A 229 -14.45 0.51 -12.40
C LEU A 229 -15.93 0.11 -12.35
N ALA A 230 -16.52 -0.07 -13.53
CA ALA A 230 -17.92 -0.46 -13.66
C ALA A 230 -18.11 -1.97 -13.68
N ASP A 231 -17.04 -2.75 -13.64
CA ASP A 231 -17.14 -4.22 -13.62
C ASP A 231 -17.41 -4.67 -12.20
N ASP A 232 -18.65 -5.09 -11.93
CA ASP A 232 -19.04 -5.43 -10.56
C ASP A 232 -18.37 -6.72 -10.10
N ASN A 233 -18.39 -7.76 -10.95
CA ASN A 233 -17.77 -9.02 -10.56
C ASN A 233 -16.26 -8.87 -10.41
N PHE A 234 -15.62 -8.10 -11.29
CA PHE A 234 -14.20 -7.84 -11.14
C PHE A 234 -13.92 -7.07 -9.86
N VAL A 235 -14.79 -6.12 -9.52
CA VAL A 235 -14.59 -5.36 -8.28
C VAL A 235 -14.67 -6.29 -7.08
N LEU A 236 -15.67 -7.17 -7.06
CA LEU A 236 -15.81 -8.12 -5.94
C LEU A 236 -14.59 -9.03 -5.85
N ILE A 237 -14.15 -9.59 -6.97
CA ILE A 237 -13.06 -10.56 -6.94
C ILE A 237 -11.76 -9.88 -6.56
N GLY A 238 -11.48 -8.71 -7.13
CA GLY A 238 -10.24 -8.00 -6.85
C GLY A 238 -10.23 -7.20 -5.58
N SER A 239 -11.37 -7.13 -4.87
CA SER A 239 -11.41 -6.64 -3.51
C SER A 239 -11.45 -7.76 -2.49
N PHE A 240 -11.81 -8.98 -2.90
CA PHE A 240 -11.76 -10.13 -2.00
C PHE A 240 -10.39 -10.81 -2.02
N VAL A 241 -9.69 -10.76 -3.15
CA VAL A 241 -8.37 -11.39 -3.26
C VAL A 241 -7.23 -10.41 -2.97
N SER A 242 -7.53 -9.12 -2.79
CA SER A 242 -6.51 -8.10 -2.56
C SER A 242 -6.59 -7.42 -1.20
N PHE A 243 -7.73 -7.53 -0.50
CA PHE A 243 -7.87 -6.93 0.82
C PHE A 243 -8.62 -7.78 1.83
N PHE A 244 -9.18 -8.94 1.45
CA PHE A 244 -9.84 -9.81 2.41
C PHE A 244 -9.07 -11.11 2.65
N ILE A 245 -8.14 -11.47 1.76
CA ILE A 245 -7.13 -12.46 2.10
C ILE A 245 -5.99 -11.79 2.86
N PRO A 246 -5.43 -10.66 2.39
CA PRO A 246 -4.37 -10.01 3.19
C PRO A 246 -4.81 -9.53 4.55
N LEU A 247 -6.07 -9.10 4.71
CA LEU A 247 -6.51 -8.65 6.02
C LEU A 247 -6.53 -9.79 7.03
N THR A 248 -7.05 -10.95 6.62
CA THR A 248 -7.08 -12.08 7.55
C THR A 248 -5.68 -12.64 7.77
N ILE A 249 -4.82 -12.61 6.75
CA ILE A 249 -3.44 -13.04 6.94
C ILE A 249 -2.74 -12.14 7.94
N MET A 250 -2.91 -10.82 7.81
CA MET A 250 -2.26 -9.90 8.73
C MET A 250 -2.85 -10.01 10.12
N VAL A 251 -4.16 -10.25 10.24
CA VAL A 251 -4.77 -10.41 11.56
C VAL A 251 -4.21 -11.67 12.24
N ILE A 252 -4.14 -12.77 11.50
CA ILE A 252 -3.64 -14.02 12.08
C ILE A 252 -2.18 -13.86 12.49
N THR A 253 -1.35 -13.26 11.62
CA THR A 253 0.06 -13.12 11.96
C THR A 253 0.28 -12.11 13.09
N TYR A 254 -0.52 -11.04 13.16
CA TYR A 254 -0.40 -10.11 14.26
C TYR A 254 -0.79 -10.77 15.59
N PHE A 255 -1.89 -11.53 15.59
CA PHE A 255 -2.29 -12.20 16.81
C PHE A 255 -1.26 -13.22 17.25
N LEU A 256 -0.69 -13.97 16.29
CA LEU A 256 0.30 -14.98 16.65
C LEU A 256 1.61 -14.35 17.08
N THR A 257 2.01 -13.23 16.47
CA THR A 257 3.22 -12.54 16.93
C THR A 257 3.03 -11.96 18.31
N ILE A 258 1.84 -11.43 18.61
CA ILE A 258 1.57 -10.94 19.95
C ILE A 258 1.60 -12.09 20.95
N LYS A 259 0.97 -13.22 20.60
CA LYS A 259 0.96 -14.36 21.50
C LYS A 259 2.32 -15.06 21.59
N SER A 260 3.27 -14.74 20.70
CA SER A 260 4.61 -15.30 20.74
C SER A 260 5.56 -14.47 21.60
N LEU A 261 5.48 -13.15 21.51
CA LEU A 261 6.35 -12.28 22.30
C LEU A 261 5.88 -12.17 23.75
N GLN A 262 4.61 -12.44 24.03
CA GLN A 262 4.11 -12.38 25.40
C GLN A 262 4.44 -13.64 26.21
N LYS A 263 4.94 -14.69 25.57
CA LYS A 263 5.28 -15.91 26.31
C LYS A 263 6.52 -15.73 27.18
N GLU A 264 7.36 -14.75 26.89
CA GLU A 264 8.57 -14.52 27.67
C GLU A 264 8.22 -13.93 29.04
N ILE A 315 12.73 -6.53 29.90
CA ILE A 315 12.02 -6.99 28.71
C ILE A 315 11.36 -5.82 28.00
N SER A 316 11.94 -4.62 28.13
CA SER A 316 11.35 -3.45 27.50
C SER A 316 11.49 -3.48 25.98
N ASN A 317 12.48 -4.21 25.46
CA ASN A 317 12.61 -4.33 24.01
C ASN A 317 11.41 -5.05 23.39
N GLU A 318 10.98 -6.15 24.02
CA GLU A 318 9.84 -6.89 23.49
C GLU A 318 8.55 -6.09 23.63
N GLN A 319 8.40 -5.35 24.73
CA GLN A 319 7.21 -4.51 24.89
C GLN A 319 7.19 -3.38 23.87
N LYS A 320 8.36 -2.79 23.58
CA LYS A 320 8.42 -1.76 22.54
C LYS A 320 8.10 -2.36 21.18
N ALA A 321 8.59 -3.57 20.89
CA ALA A 321 8.26 -4.22 19.63
C ALA A 321 6.77 -4.51 19.54
N CYS A 322 6.15 -4.93 20.65
CA CYS A 322 4.71 -5.16 20.65
C CYS A 322 3.94 -3.88 20.40
N LYS A 323 4.37 -2.78 21.03
CA LYS A 323 3.71 -1.50 20.79
C LYS A 323 3.84 -1.08 19.32
N VAL A 324 5.03 -1.26 18.75
CA VAL A 324 5.25 -0.89 17.35
C VAL A 324 4.37 -1.74 16.44
N LEU A 325 4.32 -3.05 16.68
CA LEU A 325 3.50 -3.93 15.85
C LEU A 325 2.02 -3.56 15.94
N GLY A 326 1.53 -3.30 17.16
CA GLY A 326 0.14 -2.91 17.32
C GLY A 326 -0.17 -1.60 16.63
N ILE A 327 0.74 -0.62 16.75
CA ILE A 327 0.53 0.66 16.08
C ILE A 327 0.47 0.46 14.57
N VAL A 328 1.40 -0.35 14.02
CA VAL A 328 1.45 -0.56 12.58
C VAL A 328 0.15 -1.23 12.11
N PHE A 329 -0.27 -2.28 12.80
CA PHE A 329 -1.45 -3.03 12.38
C PHE A 329 -2.70 -2.17 12.44
N PHE A 330 -2.89 -1.44 13.55
CA PHE A 330 -4.10 -0.64 13.68
C PHE A 330 -4.08 0.56 12.75
N LEU A 331 -2.91 1.14 12.48
CA LEU A 331 -2.85 2.23 11.51
C LEU A 331 -3.20 1.73 10.12
N PHE A 332 -2.69 0.55 9.73
CA PHE A 332 -3.04 0.00 8.43
C PHE A 332 -4.54 -0.27 8.34
N VAL A 333 -5.13 -0.86 9.38
CA VAL A 333 -6.55 -1.15 9.36
C VAL A 333 -7.38 0.12 9.29
N VAL A 334 -7.02 1.13 10.08
CA VAL A 334 -7.77 2.38 10.10
C VAL A 334 -7.67 3.08 8.74
N MET A 335 -6.48 3.07 8.15
CA MET A 335 -6.29 3.82 6.90
C MET A 335 -6.98 3.14 5.73
N TRP A 336 -6.87 1.81 5.61
CA TRP A 336 -7.31 1.13 4.40
C TRP A 336 -8.69 0.49 4.51
N CYS A 337 -9.13 0.12 5.71
CA CYS A 337 -10.37 -0.65 5.84
C CYS A 337 -11.63 0.05 5.34
N PRO A 338 -11.88 1.34 5.64
CA PRO A 338 -13.16 1.94 5.19
C PRO A 338 -13.34 1.96 3.69
N PHE A 339 -12.26 2.12 2.93
CA PHE A 339 -12.40 2.25 1.48
C PHE A 339 -12.90 0.96 0.85
N PHE A 340 -12.32 -0.18 1.22
CA PHE A 340 -12.73 -1.43 0.59
C PHE A 340 -14.12 -1.85 1.05
N ILE A 341 -14.45 -1.62 2.33
CA ILE A 341 -15.78 -2.03 2.78
C ILE A 341 -16.86 -1.15 2.16
N THR A 342 -16.61 0.16 2.00
CA THR A 342 -17.60 0.98 1.30
C THR A 342 -17.61 0.70 -0.19
N ASN A 343 -16.50 0.26 -0.77
CA ASN A 343 -16.51 -0.14 -2.18
C ASN A 343 -17.38 -1.37 -2.35
N ILE A 344 -17.31 -2.32 -1.41
CA ILE A 344 -18.16 -3.50 -1.49
C ILE A 344 -19.63 -3.12 -1.28
N MET A 345 -19.90 -2.25 -0.32
CA MET A 345 -21.28 -1.82 -0.09
C MET A 345 -21.84 -1.01 -1.23
N ALA A 346 -20.99 -0.38 -2.03
CA ALA A 346 -21.47 0.37 -3.19
C ALA A 346 -22.08 -0.55 -4.23
N VAL A 347 -21.50 -1.74 -4.41
CA VAL A 347 -21.92 -2.64 -5.49
C VAL A 347 -22.92 -3.67 -4.99
N ILE A 348 -22.75 -4.17 -3.77
CA ILE A 348 -23.62 -5.24 -3.26
C ILE A 348 -25.00 -4.73 -2.86
N CYS A 349 -25.15 -3.41 -2.66
CA CYS A 349 -26.45 -2.84 -2.32
C CYS A 349 -27.19 -2.39 -3.58
N ASN A 354 -29.73 6.88 -2.43
CA ASN A 354 -28.58 6.64 -1.55
C ASN A 354 -27.26 6.54 -2.31
N GLU A 355 -27.32 6.62 -3.64
CA GLU A 355 -26.10 6.49 -4.44
C GLU A 355 -25.16 7.67 -4.22
N ASP A 356 -25.69 8.88 -4.04
CA ASP A 356 -24.84 10.05 -3.87
C ASP A 356 -24.06 9.98 -2.56
N VAL A 357 -24.70 9.52 -1.49
CA VAL A 357 -24.03 9.45 -0.20
C VAL A 357 -22.91 8.42 -0.23
N ILE A 358 -23.17 7.25 -0.81
CA ILE A 358 -22.15 6.22 -0.90
C ILE A 358 -21.02 6.68 -1.82
N GLY A 359 -21.36 7.38 -2.89
CA GLY A 359 -20.33 7.92 -3.77
C GLY A 359 -19.45 8.93 -3.08
N ALA A 360 -20.04 9.82 -2.28
CA ALA A 360 -19.25 10.79 -1.54
C ALA A 360 -18.38 10.11 -0.49
N LEU A 361 -18.91 9.08 0.17
CA LEU A 361 -18.11 8.36 1.16
C LEU A 361 -16.91 7.68 0.49
N LEU A 362 -17.14 7.06 -0.67
CA LEU A 362 -16.03 6.46 -1.41
C LEU A 362 -15.04 7.54 -1.85
N ASN A 363 -15.55 8.71 -2.22
CA ASN A 363 -14.69 9.82 -2.63
C ASN A 363 -13.75 10.24 -1.51
N VAL A 364 -14.28 10.37 -0.29
CA VAL A 364 -13.42 10.75 0.83
C VAL A 364 -12.47 9.60 1.20
N PHE A 365 -12.96 8.36 1.17
CA PHE A 365 -12.14 7.26 1.67
C PHE A 365 -11.05 6.84 0.68
N VAL A 366 -11.21 7.10 -0.61
CA VAL A 366 -10.13 6.81 -1.55
C VAL A 366 -8.99 7.79 -1.39
N TRP A 367 -9.24 9.00 -0.88
CA TRP A 367 -8.18 9.93 -0.52
C TRP A 367 -7.63 9.67 0.87
N ILE A 368 -8.45 9.14 1.78
CA ILE A 368 -7.92 8.69 3.07
C ILE A 368 -6.93 7.55 2.86
N GLY A 369 -7.27 6.61 1.97
CA GLY A 369 -6.37 5.50 1.69
C GLY A 369 -5.10 5.90 0.97
N TYR A 370 -5.13 7.01 0.24
CA TYR A 370 -3.91 7.53 -0.37
C TYR A 370 -2.96 8.09 0.67
N LEU A 371 -3.46 8.50 1.84
CA LEU A 371 -2.60 8.98 2.90
C LEU A 371 -1.74 7.88 3.49
N SER A 372 -2.14 6.61 3.34
CA SER A 372 -1.34 5.51 3.85
C SER A 372 -0.01 5.37 3.13
N SER A 373 0.06 5.76 1.86
CA SER A 373 1.33 5.72 1.13
C SER A 373 2.30 6.79 1.61
N ALA A 374 1.83 7.81 2.31
CA ALA A 374 2.68 8.82 2.92
C ALA A 374 3.00 8.53 4.38
N VAL A 375 2.47 7.43 4.94
CA VAL A 375 2.66 7.08 6.33
C VAL A 375 3.57 5.87 6.49
N ASN A 376 3.42 4.86 5.63
CA ASN A 376 4.25 3.68 5.72
C ASN A 376 5.74 3.96 5.59
N PRO A 377 6.21 4.85 4.70
CA PRO A 377 7.65 5.18 4.71
C PRO A 377 8.13 5.75 6.04
N LEU A 378 7.29 6.49 6.76
CA LEU A 378 7.70 7.09 8.02
C LEU A 378 7.64 6.09 9.17
N VAL A 379 6.53 5.38 9.31
CA VAL A 379 6.30 4.56 10.49
C VAL A 379 7.24 3.36 10.50
N TYR A 380 7.47 2.76 9.32
CA TYR A 380 8.33 1.57 9.25
C TYR A 380 9.81 1.89 9.42
N THR A 381 10.20 3.16 9.44
CA THR A 381 11.60 3.57 9.52
C THR A 381 11.93 4.41 10.73
N LEU A 382 11.03 5.30 11.15
CA LEU A 382 11.40 6.29 12.16
C LEU A 382 11.58 5.70 13.56
N PHE A 383 11.19 4.45 13.79
CA PHE A 383 11.48 3.82 15.06
C PHE A 383 12.95 3.44 15.20
N ASN A 384 13.70 3.43 14.11
CA ASN A 384 15.15 3.23 14.18
C ASN A 384 15.84 4.56 14.46
N LYS A 385 16.95 4.49 15.21
CA LYS A 385 17.73 5.68 15.49
C LYS A 385 18.54 6.11 14.28
N THR A 386 19.07 5.15 13.52
CA THR A 386 19.87 5.47 12.35
C THR A 386 19.03 6.17 11.29
N TYR A 387 17.79 5.71 11.08
CA TYR A 387 16.91 6.38 10.12
C TYR A 387 16.58 7.81 10.57
N ARG A 388 16.34 8.01 11.87
CA ARG A 388 16.08 9.36 12.36
C ARG A 388 17.29 10.26 12.14
N SER A 389 18.48 9.75 12.42
CA SER A 389 19.69 10.53 12.22
C SER A 389 19.88 10.88 10.74
N ALA A 390 19.65 9.91 9.85
CA ALA A 390 19.80 10.16 8.43
C ALA A 390 18.78 11.18 7.93
N PHE A 391 17.54 11.09 8.42
CA PHE A 391 16.51 12.02 7.99
C PHE A 391 16.80 13.43 8.51
N SER A 392 17.35 13.55 9.72
CA SER A 392 17.73 14.86 10.22
C SER A 392 18.94 15.42 9.47
N ARG A 393 19.86 14.55 9.06
CA ARG A 393 21.03 15.00 8.31
C ARG A 393 20.65 15.47 6.91
N TYR A 394 19.76 14.74 6.24
CA TYR A 394 19.46 15.05 4.85
C TYR A 394 18.61 16.31 4.72
N ILE A 395 17.75 16.57 5.71
CA ILE A 395 16.93 17.78 5.72
C ILE A 395 17.74 18.90 6.35
C01 A1AFW B . -10.35 0.80 -8.62
O02 A1AFW B . -10.62 -0.17 -7.64
C03 A1AFW B . -9.54 -0.42 -6.80
C05 A1AFW B . -7.67 0.38 -5.54
C06 A1AFW B . -7.39 -0.91 -5.13
C07 A1AFW B . -8.18 -1.96 -5.55
C08 A1AFW B . -9.26 -1.72 -6.39
C10 A1AFW B . -11.37 -2.75 -6.30
C12 A1AFW B . -7.50 -4.13 -6.14
C04 A1AFW B . -8.74 0.63 -6.37
C13 A1AFW B . -6.80 1.55 -5.08
C14 A1AFW B . -7.47 2.90 -5.34
N15 A1AFW B . -6.59 3.97 -4.93
O09 A1AFW B . -10.07 -2.78 -6.81
O11 A1AFW B . -7.89 -3.26 -5.12
#